data_9CDT
#
_entry.id   9CDT
#
_cell.length_a   52.484
_cell.length_b   75.366
_cell.length_c   43.371
_cell.angle_alpha   90.000
_cell.angle_beta   90.000
_cell.angle_gamma   90.000
#
_symmetry.space_group_name_H-M   'P 21 21 2'
#
loop_
_entity.id
_entity.type
_entity.pdbx_description
1 polymer 'Induced myeloid leukemia cell differentiation protein Mcl-1'
2 polymer 'MCB_D2 peptide'
3 water water
#
loop_
_entity_poly.entity_id
_entity_poly.type
_entity_poly.pdbx_seq_one_letter_code
_entity_poly.pdbx_strand_id
1 'polypeptide(L)'
;SDELYRQSLEIISRYLREQATGAKDTKPMGRSGATSRKALETLRRVGDGVQRNHETAFQGMLRKLDIKNEDDVKSLSRVM
IHVFSDGVTNWGRIVTLISFGAFVAKHLKTINQESCIEPLAESITDVLVRTKRDWLVKQRGWDGFVEFFHVE
;
A
2 'polypeptide(L)' PPEIAWLADAVGLKDA B
#
# COMPACT_ATOMS: atom_id res chain seq x y z
N SER A 1 18.58 3.10 11.37
CA SER A 1 18.16 2.61 12.68
C SER A 1 16.66 2.78 12.87
N ASP A 2 15.93 2.73 11.76
CA ASP A 2 14.48 2.87 11.77
C ASP A 2 13.89 1.48 11.56
N GLU A 3 13.55 0.81 12.66
CA GLU A 3 13.00 -0.54 12.57
C GLU A 3 11.59 -0.52 11.97
N LEU A 4 10.76 0.45 12.38
CA LEU A 4 9.40 0.50 11.86
C LEU A 4 9.38 0.64 10.35
N TYR A 5 10.19 1.57 9.82
CA TYR A 5 10.31 1.69 8.37
C TYR A 5 10.83 0.41 7.74
N ARG A 6 11.87 -0.19 8.32
CA ARG A 6 12.47 -1.40 7.75
C ARG A 6 11.46 -2.53 7.67
N GLN A 7 10.76 -2.80 8.78
CA GLN A 7 9.76 -3.87 8.77
C GLN A 7 8.62 -3.55 7.83
N SER A 8 8.16 -2.29 7.83
CA SER A 8 7.05 -1.91 6.96
C SER A 8 7.42 -2.05 5.48
N LEU A 9 8.62 -1.62 5.11
CA LEU A 9 9.06 -1.76 3.73
C LEU A 9 9.08 -3.23 3.32
N GLU A 10 9.66 -4.08 4.17
CA GLU A 10 9.77 -5.51 3.87
C GLU A 10 8.39 -6.12 3.60
N ILE A 11 7.39 -5.74 4.39
CA ILE A 11 6.04 -6.25 4.19
C ILE A 11 5.44 -5.70 2.91
N ILE A 12 5.47 -4.38 2.75
CA ILE A 12 4.75 -3.74 1.64
C ILE A 12 5.39 -4.10 0.31
N SER A 13 6.72 -4.18 0.25
CA SER A 13 7.36 -4.52 -1.02
C SER A 13 7.01 -5.94 -1.43
N ARG A 14 7.12 -6.90 -0.50
CA ARG A 14 6.81 -8.29 -0.82
C ARG A 14 5.37 -8.44 -1.33
N TYR A 15 4.43 -7.72 -0.71
CA TYR A 15 3.04 -7.78 -1.18
C TYR A 15 2.93 -7.24 -2.60
N LEU A 16 3.65 -6.15 -2.90
CA LEU A 16 3.48 -5.51 -4.20
C LEU A 16 4.05 -6.36 -5.33
N ARG A 17 5.23 -6.97 -5.14
CA ARG A 17 5.76 -7.84 -6.19
C ARG A 17 4.93 -9.10 -6.34
N GLU A 18 4.41 -9.63 -5.23
CA GLU A 18 3.57 -10.82 -5.29
C GLU A 18 2.33 -10.57 -6.14
N GLN A 19 1.66 -9.44 -5.91
CA GLN A 19 0.49 -9.10 -6.69
C GLN A 19 0.84 -8.81 -8.14
N ALA A 20 2.02 -8.25 -8.39
CA ALA A 20 2.41 -7.90 -9.75
C ALA A 20 2.80 -9.13 -10.56
N THR A 21 3.57 -10.05 -9.98
CA THR A 21 4.08 -11.21 -10.70
C THR A 21 3.23 -12.46 -10.55
N GLY A 22 2.35 -12.51 -9.55
CA GLY A 22 1.53 -13.69 -9.31
C GLY A 22 2.25 -14.85 -8.65
N ALA A 23 3.46 -14.62 -8.13
CA ALA A 23 4.24 -15.66 -7.47
C ALA A 23 4.64 -15.19 -6.09
N LYS A 24 4.53 -16.10 -5.11
CA LYS A 24 4.91 -15.79 -3.74
C LYS A 24 6.42 -15.58 -3.63
N ASP A 25 6.83 -14.88 -2.58
CA ASP A 25 8.22 -14.56 -2.32
C ASP A 25 8.73 -15.46 -1.20
N THR A 26 9.57 -16.43 -1.56
CA THR A 26 10.13 -17.37 -0.59
C THR A 26 11.43 -16.86 0.03
N LYS A 27 11.83 -15.63 -0.28
CA LYS A 27 13.07 -15.10 0.26
C LYS A 27 12.97 -15.01 1.78
N PRO A 28 13.99 -15.45 2.53
CA PRO A 28 13.85 -15.57 3.98
C PRO A 28 13.59 -14.24 4.66
N MET A 29 12.80 -14.30 5.73
CA MET A 29 12.39 -13.10 6.45
C MET A 29 13.54 -12.53 7.26
N GLY A 30 13.37 -11.27 7.70
CA GLY A 30 14.40 -10.56 8.40
C GLY A 30 14.45 -10.78 9.90
N ARG A 31 14.40 -9.69 10.67
CA ARG A 31 14.55 -9.75 12.12
C ARG A 31 13.29 -10.29 12.78
N SER A 32 12.20 -9.54 12.71
CA SER A 32 10.90 -9.98 13.22
C SER A 32 10.09 -10.64 12.11
N GLY A 33 10.65 -11.74 11.60
CA GLY A 33 10.03 -12.42 10.47
C GLY A 33 8.71 -13.08 10.82
N ALA A 34 8.54 -13.48 12.09
CA ALA A 34 7.26 -14.05 12.50
C ALA A 34 6.12 -13.06 12.27
N THR A 35 6.24 -11.84 12.79
CA THR A 35 5.19 -10.84 12.59
C THR A 35 5.06 -10.48 11.11
N SER A 36 6.19 -10.29 10.42
CA SER A 36 6.12 -9.89 9.01
C SER A 36 5.45 -10.97 8.17
N ARG A 37 5.75 -12.24 8.43
CA ARG A 37 5.11 -13.32 7.68
C ARG A 37 3.60 -13.29 7.88
N LYS A 38 3.15 -13.15 9.12
CA LYS A 38 1.71 -13.15 9.39
C LYS A 38 1.05 -11.88 8.88
N ALA A 39 1.75 -10.75 8.91
CA ALA A 39 1.18 -9.52 8.35
C ALA A 39 1.03 -9.63 6.84
N LEU A 40 2.01 -10.26 6.18
CA LEU A 40 1.91 -10.49 4.75
C LEU A 40 0.75 -11.42 4.44
N GLU A 41 0.55 -12.45 5.25
CA GLU A 41 -0.61 -13.33 5.09
C GLU A 41 -1.92 -12.56 5.27
N THR A 42 -1.98 -11.71 6.30
CA THR A 42 -3.17 -10.88 6.50
C THR A 42 -3.42 -9.99 5.29
N LEU A 43 -2.36 -9.38 4.75
CA LEU A 43 -2.51 -8.51 3.59
C LEU A 43 -3.11 -9.26 2.42
N ARG A 44 -2.67 -10.51 2.20
CA ARG A 44 -3.23 -11.30 1.11
C ARG A 44 -4.73 -11.47 1.24
N ARG A 45 -5.23 -11.54 2.47
CA ARG A 45 -6.66 -11.71 2.70
C ARG A 45 -7.42 -10.41 2.52
N VAL A 46 -7.04 -9.36 3.28
CA VAL A 46 -7.80 -8.12 3.24
C VAL A 46 -7.43 -7.26 2.04
N GLY A 47 -6.19 -7.33 1.56
CA GLY A 47 -5.81 -6.53 0.40
C GLY A 47 -6.44 -7.01 -0.89
N ASP A 48 -6.57 -8.32 -1.06
CA ASP A 48 -7.22 -8.85 -2.26
C ASP A 48 -8.71 -8.53 -2.28
N GLY A 49 -9.36 -8.51 -1.11
CA GLY A 49 -10.77 -8.18 -1.08
C GLY A 49 -11.04 -6.73 -1.40
N VAL A 50 -10.17 -5.83 -0.93
CA VAL A 50 -10.29 -4.41 -1.25
C VAL A 50 -10.12 -4.18 -2.74
N GLN A 51 -9.12 -4.80 -3.34
CA GLN A 51 -8.88 -4.64 -4.77
C GLN A 51 -10.05 -5.19 -5.58
N ARG A 52 -10.60 -6.33 -5.19
CA ARG A 52 -11.75 -6.88 -5.89
C ARG A 52 -12.96 -5.98 -5.72
N ASN A 53 -13.22 -5.53 -4.50
CA ASN A 53 -14.38 -4.68 -4.22
C ASN A 53 -14.35 -3.39 -5.02
N HIS A 54 -13.16 -2.83 -5.26
CA HIS A 54 -13.02 -1.53 -5.88
C HIS A 54 -12.23 -1.59 -7.18
N GLU A 55 -12.39 -2.68 -7.94
CA GLU A 55 -11.61 -2.82 -9.16
C GLU A 55 -11.90 -1.69 -10.16
N THR A 56 -13.18 -1.41 -10.39
CA THR A 56 -13.53 -0.34 -11.32
C THR A 56 -13.07 1.01 -10.81
N ALA A 57 -13.23 1.27 -9.50
CA ALA A 57 -12.79 2.55 -8.95
C ALA A 57 -11.27 2.67 -8.94
N PHE A 58 -10.57 1.58 -8.59
CA PHE A 58 -9.12 1.62 -8.62
C PHE A 58 -8.61 1.88 -10.03
N GLN A 59 -9.25 1.26 -11.03
CA GLN A 59 -8.87 1.49 -12.42
C GLN A 59 -9.08 2.94 -12.82
N GLY A 60 -10.23 3.52 -12.45
CA GLY A 60 -10.47 4.91 -12.78
C GLY A 60 -9.48 5.86 -12.14
N MET A 61 -9.05 5.54 -10.92
CA MET A 61 -8.03 6.35 -10.26
C MET A 61 -6.69 6.21 -10.97
N LEU A 62 -6.32 4.98 -11.33
CA LEU A 62 -5.06 4.75 -12.02
C LEU A 62 -5.05 5.43 -13.38
N ARG A 63 -6.19 5.45 -14.08
CA ARG A 63 -6.26 6.08 -15.39
C ARG A 63 -6.08 7.60 -15.27
N LYS A 64 -6.60 8.20 -14.19
CA LYS A 64 -6.44 9.64 -14.00
C LYS A 64 -5.04 10.01 -13.53
N LEU A 65 -4.35 9.08 -12.85
CA LEU A 65 -2.97 9.31 -12.43
C LEU A 65 -1.99 9.14 -13.59
N ASP A 66 -2.30 8.26 -14.54
CA ASP A 66 -1.47 8.01 -15.72
C ASP A 66 -0.02 7.74 -15.33
N ILE A 67 0.19 6.56 -14.74
CA ILE A 67 1.50 6.16 -14.22
C ILE A 67 2.20 5.34 -15.30
N LYS A 68 3.29 5.89 -15.85
CA LYS A 68 4.08 5.20 -16.85
C LYS A 68 5.56 5.09 -16.51
N ASN A 69 6.05 5.88 -15.55
CA ASN A 69 7.48 5.87 -15.22
C ASN A 69 7.64 6.26 -13.75
N GLU A 70 8.89 6.44 -13.34
CA GLU A 70 9.19 6.73 -11.93
C GLU A 70 8.74 8.14 -11.54
N ASP A 71 8.77 9.08 -12.48
CA ASP A 71 8.34 10.46 -12.18
C ASP A 71 6.85 10.54 -11.94
N ASP A 72 6.05 9.66 -12.57
CA ASP A 72 4.63 9.62 -12.28
C ASP A 72 4.36 9.03 -10.90
N VAL A 73 5.22 8.09 -10.47
CA VAL A 73 5.12 7.56 -9.12
C VAL A 73 5.36 8.67 -8.10
N LYS A 74 6.26 9.60 -8.41
CA LYS A 74 6.54 10.72 -7.51
C LYS A 74 5.31 11.60 -7.35
N SER A 75 4.56 11.83 -8.43
CA SER A 75 3.34 12.62 -8.32
C SER A 75 2.29 11.89 -7.48
N LEU A 76 2.30 10.56 -7.49
CA LEU A 76 1.41 9.80 -6.62
C LEU A 76 1.79 10.00 -5.16
N SER A 77 3.08 9.97 -4.84
CA SER A 77 3.55 10.20 -3.47
C SER A 77 2.99 11.49 -2.90
N ARG A 78 2.97 12.55 -3.71
CA ARG A 78 2.40 13.82 -3.29
C ARG A 78 0.95 13.64 -2.82
N VAL A 79 0.14 12.96 -3.63
CA VAL A 79 -1.26 12.75 -3.29
C VAL A 79 -1.40 11.90 -2.03
N MET A 80 -0.64 10.80 -1.95
CA MET A 80 -0.71 9.92 -0.79
C MET A 80 -0.38 10.66 0.51
N ILE A 81 0.68 11.46 0.51
CA ILE A 81 1.07 12.14 1.74
C ILE A 81 0.05 13.20 2.14
N HIS A 82 -0.64 13.80 1.16
CA HIS A 82 -1.65 14.81 1.48
C HIS A 82 -2.84 14.18 2.19
N VAL A 83 -3.35 13.06 1.66
CA VAL A 83 -4.56 12.47 2.26
C VAL A 83 -4.22 11.71 3.53
N PHE A 84 -3.02 11.17 3.65
CA PHE A 84 -2.64 10.49 4.87
C PHE A 84 -2.22 11.45 5.98
N SER A 85 -2.32 12.76 5.74
CA SER A 85 -2.10 13.76 6.78
C SER A 85 -3.35 14.60 7.02
N ASP A 86 -4.52 14.08 6.66
CA ASP A 86 -5.78 14.82 6.84
C ASP A 86 -6.37 14.67 8.24
N GLY A 87 -5.68 13.96 9.14
CA GLY A 87 -6.15 13.83 10.51
C GLY A 87 -7.04 12.64 10.78
N VAL A 88 -7.38 11.86 9.76
CA VAL A 88 -8.17 10.64 9.93
C VAL A 88 -7.22 9.46 9.82
N THR A 89 -7.23 8.59 10.83
CA THR A 89 -6.35 7.43 10.88
C THR A 89 -7.14 6.23 11.37
N ASN A 90 -7.08 5.15 10.59
CA ASN A 90 -7.61 3.86 11.01
C ASN A 90 -6.98 2.78 10.14
N TRP A 91 -7.14 1.52 10.56
CA TRP A 91 -6.49 0.43 9.86
C TRP A 91 -7.06 0.24 8.45
N GLY A 92 -8.35 0.53 8.25
CA GLY A 92 -8.95 0.34 6.94
C GLY A 92 -8.32 1.23 5.88
N ARG A 93 -7.96 2.46 6.23
CA ARG A 93 -7.29 3.34 5.29
C ARG A 93 -5.90 2.83 4.93
N ILE A 94 -5.17 2.31 5.93
CA ILE A 94 -3.83 1.78 5.66
C ILE A 94 -3.91 0.59 4.71
N VAL A 95 -4.86 -0.32 4.94
CA VAL A 95 -5.06 -1.44 4.02
C VAL A 95 -5.39 -0.94 2.62
N THR A 96 -6.33 0.01 2.52
CA THR A 96 -6.72 0.55 1.22
C THR A 96 -5.53 1.15 0.49
N LEU A 97 -4.68 1.88 1.20
CA LEU A 97 -3.51 2.50 0.56
C LEU A 97 -2.56 1.44 0.01
N ILE A 98 -2.24 0.43 0.81
CA ILE A 98 -1.37 -0.63 0.31
C ILE A 98 -2.06 -1.40 -0.81
N SER A 99 -3.36 -1.64 -0.68
CA SER A 99 -4.10 -2.35 -1.73
C SER A 99 -4.03 -1.63 -3.06
N PHE A 100 -4.25 -0.30 -3.05
CA PHE A 100 -4.12 0.45 -4.28
C PHE A 100 -2.68 0.44 -4.80
N GLY A 101 -1.70 0.40 -3.89
CA GLY A 101 -0.33 0.25 -4.33
C GLY A 101 -0.10 -1.05 -5.07
N ALA A 102 -0.68 -2.15 -4.58
CA ALA A 102 -0.62 -3.41 -5.30
C ALA A 102 -1.32 -3.31 -6.65
N PHE A 103 -2.45 -2.60 -6.69
CA PHE A 103 -3.13 -2.38 -7.96
C PHE A 103 -2.23 -1.66 -8.95
N VAL A 104 -1.57 -0.58 -8.50
CA VAL A 104 -0.65 0.15 -9.36
C VAL A 104 0.53 -0.73 -9.76
N ALA A 105 1.02 -1.56 -8.83
CA ALA A 105 2.16 -2.42 -9.14
C ALA A 105 1.81 -3.44 -10.21
N LYS A 106 0.57 -3.96 -10.21
CA LYS A 106 0.12 -4.84 -11.28
C LYS A 106 0.16 -4.12 -12.63
N HIS A 107 -0.21 -2.83 -12.65
CA HIS A 107 -0.21 -2.08 -13.89
C HIS A 107 1.21 -1.87 -14.40
N LEU A 108 2.15 -1.57 -13.48
CA LEU A 108 3.54 -1.37 -13.89
C LEU A 108 4.14 -2.63 -14.50
N LYS A 109 3.77 -3.80 -13.97
CA LYS A 109 4.22 -5.06 -14.56
C LYS A 109 3.64 -5.25 -15.96
N THR A 110 2.38 -4.82 -16.17
CA THR A 110 1.74 -5.00 -17.46
C THR A 110 2.42 -4.16 -18.53
N ILE A 111 2.90 -2.97 -18.16
CA ILE A 111 3.52 -2.06 -19.11
C ILE A 111 5.05 -2.17 -19.06
N ASN A 112 5.57 -3.29 -18.55
CA ASN A 112 7.01 -3.61 -18.57
C ASN A 112 7.84 -2.54 -17.85
N GLN A 113 7.28 -1.99 -16.78
CA GLN A 113 8.01 -1.06 -15.93
C GLN A 113 8.16 -1.64 -14.52
N GLU A 114 8.60 -2.90 -14.45
CA GLU A 114 8.77 -3.54 -13.15
C GLU A 114 9.82 -2.84 -12.28
N SER A 115 10.73 -2.08 -12.91
CA SER A 115 11.75 -1.35 -12.16
C SER A 115 11.15 -0.24 -11.31
N CYS A 116 9.92 0.20 -11.60
CA CYS A 116 9.24 1.22 -10.83
C CYS A 116 8.51 0.66 -9.62
N ILE A 117 8.49 -0.66 -9.44
CA ILE A 117 7.70 -1.26 -8.37
C ILE A 117 8.37 -1.01 -7.02
N GLU A 118 9.67 -1.28 -6.92
CA GLU A 118 10.38 -0.99 -5.68
C GLU A 118 10.30 0.48 -5.28
N PRO A 119 10.56 1.45 -6.16
CA PRO A 119 10.30 2.85 -5.77
C PRO A 119 8.90 3.08 -5.28
N LEU A 120 7.91 2.37 -5.84
CA LEU A 120 6.52 2.54 -5.41
C LEU A 120 6.33 2.03 -3.99
N ALA A 121 6.89 0.86 -3.67
CA ALA A 121 6.75 0.31 -2.32
C ALA A 121 7.45 1.18 -1.28
N GLU A 122 8.60 1.76 -1.64
CA GLU A 122 9.31 2.65 -0.73
C GLU A 122 8.51 3.92 -0.45
N SER A 123 7.81 4.45 -1.45
CA SER A 123 7.08 5.71 -1.25
C SER A 123 5.84 5.50 -0.40
N ILE A 124 5.10 4.40 -0.63
CA ILE A 124 3.99 4.07 0.26
C ILE A 124 4.46 3.90 1.69
N THR A 125 5.63 3.27 1.88
CA THR A 125 6.15 3.08 3.23
C THR A 125 6.49 4.42 3.86
N ASP A 126 7.19 5.28 3.11
CA ASP A 126 7.60 6.57 3.63
C ASP A 126 6.40 7.42 4.03
N VAL A 127 5.32 7.34 3.24
CA VAL A 127 4.09 8.04 3.59
C VAL A 127 3.47 7.42 4.84
N LEU A 128 3.44 6.09 4.92
CA LEU A 128 2.84 5.41 6.06
C LEU A 128 3.55 5.80 7.36
N VAL A 129 4.88 5.70 7.38
CA VAL A 129 5.60 5.92 8.63
C VAL A 129 5.64 7.41 8.98
N ARG A 130 5.84 8.29 7.99
CA ARG A 130 5.98 9.71 8.31
C ARG A 130 4.69 10.27 8.88
N THR A 131 3.54 9.82 8.39
CA THR A 131 2.27 10.39 8.80
C THR A 131 1.63 9.65 9.97
N LYS A 132 1.88 8.35 10.12
CA LYS A 132 1.16 7.54 11.10
C LYS A 132 2.07 6.92 12.16
N ARG A 133 3.31 7.39 12.28
CA ARG A 133 4.26 6.73 13.19
C ARG A 133 3.71 6.64 14.61
N ASP A 134 3.29 7.77 15.17
CA ASP A 134 2.87 7.79 16.57
C ASP A 134 1.64 6.91 16.79
N TRP A 135 0.70 6.94 15.85
CA TRP A 135 -0.44 6.04 15.93
C TRP A 135 -0.01 4.59 15.82
N LEU A 136 0.88 4.28 14.87
CA LEU A 136 1.30 2.90 14.65
C LEU A 136 1.95 2.32 15.90
N VAL A 137 2.86 3.07 16.54
CA VAL A 137 3.50 2.55 17.74
C VAL A 137 2.48 2.35 18.86
N LYS A 138 1.42 3.17 18.88
CA LYS A 138 0.36 2.98 19.86
C LYS A 138 -0.40 1.69 19.62
N GLN A 139 -0.59 1.31 18.35
CA GLN A 139 -1.26 0.07 17.99
C GLN A 139 -0.34 -1.14 18.01
N ARG A 140 0.89 -0.98 18.48
CA ARG A 140 1.89 -2.05 18.51
C ARG A 140 2.30 -2.48 17.10
N GLY A 141 2.31 -1.53 16.15
CA GLY A 141 2.90 -1.79 14.85
C GLY A 141 2.18 -2.88 14.06
N TRP A 142 2.97 -3.77 13.48
CA TRP A 142 2.40 -4.84 12.65
C TRP A 142 1.84 -5.99 13.49
N ASP A 143 2.19 -6.06 14.77
CA ASP A 143 1.49 -6.97 15.66
C ASP A 143 0.02 -6.57 15.78
N GLY A 144 -0.24 -5.27 15.94
CA GLY A 144 -1.62 -4.81 16.02
C GLY A 144 -2.37 -5.02 14.73
N PHE A 145 -1.70 -4.82 13.59
CA PHE A 145 -2.30 -5.08 12.28
C PHE A 145 -2.76 -6.53 12.19
N VAL A 146 -1.90 -7.47 12.60
CA VAL A 146 -2.25 -8.88 12.54
C VAL A 146 -3.40 -9.19 13.48
N GLU A 147 -3.36 -8.63 14.69
CA GLU A 147 -4.41 -8.91 15.67
C GLU A 147 -5.73 -8.27 15.28
N PHE A 148 -5.68 -7.08 14.65
CA PHE A 148 -6.90 -6.37 14.32
C PHE A 148 -7.73 -7.11 13.29
N PHE A 149 -7.07 -7.78 12.33
CA PHE A 149 -7.77 -8.44 11.25
C PHE A 149 -7.98 -9.93 11.47
N HIS A 150 -7.40 -10.51 12.53
CA HIS A 150 -7.71 -11.88 12.97
C HIS A 150 -7.03 -12.18 14.30
N PRO B 1 -16.95 5.03 -4.58
CA PRO B 1 -17.63 4.63 -3.35
C PRO B 1 -17.27 5.48 -2.13
N PRO B 2 -18.22 5.66 -1.22
CA PRO B 2 -17.94 6.45 -0.01
C PRO B 2 -16.72 5.99 0.78
N GLU B 3 -16.50 4.68 0.88
CA GLU B 3 -15.44 4.17 1.73
C GLU B 3 -14.05 4.54 1.23
N ILE B 4 -13.91 4.97 -0.03
CA ILE B 4 -12.60 5.33 -0.57
C ILE B 4 -12.63 6.70 -1.20
N ALA B 5 -13.69 7.47 -0.94
CA ALA B 5 -13.81 8.81 -1.52
C ALA B 5 -12.65 9.70 -1.10
N TRP B 6 -12.22 9.60 0.16
CA TRP B 6 -11.08 10.37 0.64
C TRP B 6 -9.85 10.16 -0.25
N LEU B 7 -9.68 8.95 -0.77
CA LEU B 7 -8.55 8.67 -1.66
C LEU B 7 -8.86 9.07 -3.10
N ALA B 8 -10.08 8.79 -3.57
CA ALA B 8 -10.41 9.06 -4.97
C ALA B 8 -10.58 10.56 -5.22
N ASP B 9 -11.00 11.31 -4.20
CA ASP B 9 -11.10 12.77 -4.36
C ASP B 9 -9.73 13.38 -4.63
N ALA B 10 -8.72 12.95 -3.87
CA ALA B 10 -7.37 13.46 -4.10
C ALA B 10 -6.91 13.18 -5.52
N VAL B 11 -7.27 12.01 -6.06
CA VAL B 11 -6.90 11.66 -7.43
C VAL B 11 -7.73 12.42 -8.46
N GLY B 12 -8.95 12.83 -8.10
CA GLY B 12 -9.83 13.54 -9.01
C GLY B 12 -11.02 12.75 -9.50
N LEU B 13 -11.09 11.45 -9.18
CA LEU B 13 -12.24 10.65 -9.56
C LEU B 13 -13.43 11.01 -8.69
N LYS B 14 -14.49 11.52 -9.31
CA LYS B 14 -15.60 12.10 -8.56
C LYS B 14 -16.63 11.07 -8.12
N ASP B 15 -16.79 9.97 -8.86
CA ASP B 15 -17.85 9.02 -8.56
C ASP B 15 -17.32 7.77 -7.87
N ALA B 16 -16.81 7.92 -6.66
CA ALA B 16 -16.30 6.79 -5.90
C ALA B 16 -17.31 6.35 -4.85
#